data_5D0Y
#
_entry.id   5D0Y
#
_cell.length_a   108.910
_cell.length_b   77.540
_cell.length_c   89.450
_cell.angle_alpha   90.00
_cell.angle_beta   116.36
_cell.angle_gamma   90.00
#
_symmetry.space_group_name_H-M   'C 1 2 1'
#
loop_
_entity.id
_entity.type
_entity.pdbx_description
1 polymer 'Conserved hypothetical membrane protein'
2 non-polymer 'FOLIC ACID'
#
_entity_poly.entity_id   1
_entity_poly.type   'polypeptide(L)'
_entity_poly.pdbx_seq_one_letter_code
;HHHHHHHHMKSESKVSSKLELRELVLLAMVIAIKVVLGQFKVGDATLQVGLGFIGSVMLGYLFGPWWGFAGGALSDLVSS
AIFGNLGGFFIGFTLTAALESMIYGFFLYKKPIQIWRVIASVICVTVICYIGLNTLWVSMLGGTNFMVALSSRILKEMIT
PWIHMVVVWFILEGLSRVKLSRKF
;
_entity_poly.pdbx_strand_id   A,B
#
loop_
_chem_comp.id
_chem_comp.type
_chem_comp.name
_chem_comp.formula
FOL non-polymer 'FOLIC ACID' 'C19 H19 N7 O6'
#
# COMPACT_ATOMS: atom_id res chain seq x y z
N LEU A 21 -12.56 -9.81 37.33
CA LEU A 21 -11.31 -9.27 36.84
C LEU A 21 -11.48 -7.83 36.38
N ARG A 22 -10.43 -7.04 36.51
CA ARG A 22 -10.47 -5.62 36.12
C ARG A 22 -10.60 -5.50 34.62
N GLU A 23 -9.80 -6.28 33.91
CA GLU A 23 -9.67 -6.15 32.46
C GLU A 23 -10.98 -6.39 31.73
N LEU A 24 -11.93 -7.02 32.40
CA LEU A 24 -13.22 -7.24 31.76
C LEU A 24 -14.11 -6.01 31.82
N VAL A 25 -13.89 -5.12 32.78
CA VAL A 25 -14.51 -3.80 32.71
C VAL A 25 -14.02 -3.12 31.44
N LEU A 26 -12.71 -3.24 31.21
CA LEU A 26 -12.04 -2.67 30.04
C LEU A 26 -12.63 -3.23 28.76
N LEU A 27 -12.66 -4.55 28.64
CA LEU A 27 -13.11 -5.20 27.42
C LEU A 27 -14.44 -4.61 26.96
N ALA A 28 -15.38 -4.42 27.89
CA ALA A 28 -16.67 -3.87 27.56
C ALA A 28 -16.51 -2.50 26.96
N MET A 29 -15.80 -1.63 27.67
CA MET A 29 -15.66 -0.24 27.24
C MET A 29 -15.07 -0.12 25.82
N VAL A 30 -14.15 -1.00 25.48
CA VAL A 30 -13.51 -0.97 24.18
C VAL A 30 -14.42 -1.60 23.12
N ILE A 31 -15.30 -2.50 23.54
CA ILE A 31 -16.36 -2.99 22.65
C ILE A 31 -17.28 -1.81 22.39
N ALA A 32 -17.53 -1.05 23.45
CA ALA A 32 -18.43 0.08 23.40
C ALA A 32 -17.85 1.11 22.50
N ILE A 33 -16.55 1.33 22.65
CA ILE A 33 -15.83 2.20 21.75
C ILE A 33 -16.00 1.73 20.32
N LYS A 34 -15.63 0.46 20.10
CA LYS A 34 -15.62 -0.15 18.78
C LYS A 34 -16.97 -0.02 18.09
N VAL A 35 -18.03 -0.22 18.87
CA VAL A 35 -19.39 -0.10 18.38
C VAL A 35 -19.72 1.34 18.01
N VAL A 36 -19.29 2.27 18.84
CA VAL A 36 -19.57 3.69 18.66
C VAL A 36 -18.87 4.28 17.44
N LEU A 37 -17.54 4.16 17.41
CA LEU A 37 -16.73 4.64 16.28
C LEU A 37 -17.20 3.98 15.00
N GLY A 38 -17.70 2.77 15.13
CA GLY A 38 -18.21 2.04 13.99
C GLY A 38 -19.35 2.76 13.31
N GLN A 39 -20.01 3.66 14.03
CA GLN A 39 -21.16 4.35 13.45
C GLN A 39 -20.72 5.60 12.68
N PHE A 40 -19.42 5.86 12.64
CA PHE A 40 -18.94 6.92 11.78
C PHE A 40 -18.50 6.26 10.52
N LYS A 41 -19.38 6.29 9.54
CA LYS A 41 -19.07 5.69 8.25
C LYS A 41 -19.92 6.31 7.15
N VAL A 42 -19.39 6.29 5.95
CA VAL A 42 -20.11 6.68 4.77
C VAL A 42 -20.21 5.42 3.96
N GLY A 43 -21.26 5.28 3.16
CA GLY A 43 -21.26 4.16 2.24
C GLY A 43 -22.56 3.50 1.89
N ASP A 44 -22.39 2.32 1.34
CA ASP A 44 -23.39 1.66 0.53
C ASP A 44 -23.78 0.36 1.21
N ALA A 45 -24.59 -0.47 0.55
CA ALA A 45 -24.77 -1.84 1.00
C ALA A 45 -23.60 -2.71 0.47
N THR A 46 -22.92 -2.15 -0.53
CA THR A 46 -21.57 -2.51 -0.95
C THR A 46 -20.64 -1.60 -0.15
N LEU A 47 -19.39 -1.42 -0.54
CA LEU A 47 -18.36 -0.89 0.39
C LEU A 47 -18.76 0.32 1.26
N GLN A 48 -18.27 0.27 2.51
CA GLN A 48 -18.41 1.34 3.48
C GLN A 48 -17.04 1.74 3.99
N VAL A 49 -16.92 3.00 4.41
CA VAL A 49 -15.64 3.52 4.87
C VAL A 49 -15.84 4.17 6.22
N GLY A 50 -15.12 3.73 7.24
CA GLY A 50 -15.35 4.26 8.58
C GLY A 50 -14.29 4.03 9.65
N LEU A 51 -14.60 4.45 10.87
CA LEU A 51 -13.66 4.47 11.98
C LEU A 51 -13.69 3.20 12.82
N GLY A 52 -14.43 2.20 12.35
CA GLY A 52 -14.54 0.95 13.07
C GLY A 52 -13.23 0.23 13.24
N PHE A 53 -12.31 0.40 12.30
CA PHE A 53 -11.04 -0.31 12.37
C PHE A 53 -10.31 0.12 13.61
N ILE A 54 -10.51 1.37 14.03
CA ILE A 54 -9.79 1.96 15.15
C ILE A 54 -10.03 1.17 16.39
N GLY A 55 -11.31 0.89 16.60
CA GLY A 55 -11.71 0.04 17.70
C GLY A 55 -11.17 -1.36 17.58
N SER A 56 -11.27 -1.95 16.40
CA SER A 56 -10.87 -3.34 16.23
C SER A 56 -9.36 -3.52 16.43
N VAL A 57 -8.58 -2.48 16.16
CA VAL A 57 -7.14 -2.52 16.41
C VAL A 57 -6.86 -2.46 17.91
N MET A 58 -7.60 -1.62 18.62
CA MET A 58 -7.49 -1.58 20.08
C MET A 58 -7.71 -2.96 20.69
N LEU A 59 -8.72 -3.66 20.23
CA LEU A 59 -9.02 -5.01 20.70
C LEU A 59 -7.86 -5.99 20.50
N GLY A 60 -7.14 -5.84 19.39
CA GLY A 60 -5.99 -6.68 19.12
C GLY A 60 -4.72 -6.23 19.85
N TYR A 61 -4.60 -4.92 20.06
CA TYR A 61 -3.44 -4.42 20.80
C TYR A 61 -3.55 -4.81 22.26
N LEU A 62 -4.68 -4.47 22.89
CA LEU A 62 -4.80 -4.61 24.34
C LEU A 62 -5.05 -6.06 24.79
N PHE A 63 -5.99 -6.74 24.14
CA PHE A 63 -6.43 -8.06 24.60
C PHE A 63 -5.90 -9.29 23.87
N GLY A 64 -5.10 -9.10 22.83
CA GLY A 64 -4.61 -10.24 22.09
C GLY A 64 -5.63 -10.83 21.12
N PRO A 65 -5.26 -11.93 20.43
CA PRO A 65 -6.07 -12.52 19.36
C PRO A 65 -7.37 -13.20 19.81
N TRP A 66 -7.29 -13.98 20.87
CA TRP A 66 -8.44 -14.79 21.24
C TRP A 66 -9.52 -13.93 21.77
N TRP A 67 -9.17 -13.18 22.81
CA TRP A 67 -10.07 -12.23 23.42
C TRP A 67 -10.41 -11.11 22.43
N GLY A 68 -9.52 -10.91 21.45
CA GLY A 68 -9.74 -9.93 20.40
C GLY A 68 -10.69 -10.44 19.35
N PHE A 69 -10.61 -11.73 19.03
CA PHE A 69 -11.57 -12.36 18.14
C PHE A 69 -12.94 -12.38 18.79
N ALA A 70 -12.95 -12.66 20.09
CA ALA A 70 -14.18 -12.64 20.86
C ALA A 70 -14.80 -11.26 20.89
N GLY A 71 -14.05 -10.27 21.35
CA GLY A 71 -14.54 -8.90 21.35
C GLY A 71 -15.00 -8.33 19.99
N GLY A 72 -14.31 -8.70 18.92
CA GLY A 72 -14.74 -8.30 17.59
C GLY A 72 -16.02 -9.02 17.21
N ALA A 73 -16.04 -10.34 17.36
CA ALA A 73 -17.24 -11.12 17.11
C ALA A 73 -18.39 -10.47 17.85
N LEU A 74 -18.15 -10.12 19.12
CA LEU A 74 -19.18 -9.62 20.01
C LEU A 74 -19.67 -8.25 19.59
N SER A 75 -18.74 -7.31 19.47
CA SER A 75 -19.09 -5.95 19.15
C SER A 75 -19.85 -5.81 17.86
N ASP A 76 -19.77 -6.80 16.99
CA ASP A 76 -20.58 -6.79 15.80
C ASP A 76 -22.04 -7.12 16.15
N LEU A 77 -22.26 -8.15 16.96
CA LEU A 77 -23.61 -8.51 17.40
C LEU A 77 -24.31 -7.32 18.03
N VAL A 78 -23.61 -6.67 18.96
CA VAL A 78 -24.17 -5.53 19.66
C VAL A 78 -24.50 -4.39 18.72
N SER A 79 -23.53 -4.05 17.87
CA SER A 79 -23.68 -2.96 16.92
C SER A 79 -24.86 -3.26 16.00
N SER A 80 -25.03 -4.53 15.67
CA SER A 80 -26.11 -4.97 14.82
C SER A 80 -27.40 -4.77 15.56
N ALA A 81 -27.43 -5.28 16.78
CA ALA A 81 -28.61 -5.29 17.62
C ALA A 81 -29.15 -3.89 17.88
N ILE A 82 -28.25 -2.93 18.11
CA ILE A 82 -28.63 -1.54 18.36
C ILE A 82 -28.91 -0.77 17.06
N PHE A 83 -27.89 -0.61 16.23
CA PHE A 83 -27.98 0.15 15.00
C PHE A 83 -28.48 -0.55 13.75
N GLY A 84 -28.22 -1.83 13.62
CA GLY A 84 -28.71 -2.57 12.48
C GLY A 84 -27.83 -2.35 11.28
N ASN A 85 -27.88 -3.28 10.34
CA ASN A 85 -27.04 -3.22 9.17
C ASN A 85 -27.82 -3.00 7.88
N LEU A 86 -27.24 -2.26 6.95
CA LEU A 86 -27.87 -2.07 5.67
C LEU A 86 -28.06 -3.39 4.96
N GLY A 87 -29.30 -3.70 4.67
CA GLY A 87 -29.63 -4.95 4.02
C GLY A 87 -29.81 -6.11 4.98
N GLY A 88 -29.64 -5.86 6.27
CA GLY A 88 -29.90 -6.86 7.27
C GLY A 88 -28.65 -7.58 7.75
N PHE A 89 -28.81 -8.30 8.85
CA PHE A 89 -27.74 -9.05 9.48
C PHE A 89 -27.23 -10.13 8.53
N PHE A 90 -25.91 -10.30 8.49
CA PHE A 90 -25.31 -11.40 7.78
C PHE A 90 -24.19 -11.96 8.62
N ILE A 91 -24.26 -13.24 8.94
CA ILE A 91 -23.38 -13.83 9.93
C ILE A 91 -21.93 -13.79 9.47
N GLY A 92 -21.73 -13.54 8.18
CA GLY A 92 -20.39 -13.40 7.63
C GLY A 92 -19.62 -12.19 8.13
N PHE A 93 -20.27 -11.01 8.08
CA PHE A 93 -19.63 -9.77 8.51
C PHE A 93 -19.19 -9.89 9.96
N THR A 94 -19.84 -10.79 10.68
CA THR A 94 -19.50 -11.07 12.07
C THR A 94 -18.13 -11.75 12.11
N LEU A 95 -17.91 -12.67 11.19
CA LEU A 95 -16.70 -13.44 11.21
C LEU A 95 -15.57 -12.50 10.93
N THR A 96 -15.82 -11.63 9.96
CA THR A 96 -14.86 -10.63 9.52
C THR A 96 -14.41 -9.77 10.67
N ALA A 97 -15.36 -9.27 11.44
CA ALA A 97 -15.05 -8.34 12.54
C ALA A 97 -14.25 -9.04 13.61
N ALA A 98 -14.36 -10.36 13.64
CA ALA A 98 -13.63 -11.19 14.59
C ALA A 98 -12.21 -11.45 14.10
N LEU A 99 -12.05 -11.78 12.82
CA LEU A 99 -10.72 -11.98 12.27
C LEU A 99 -9.96 -10.67 12.22
N GLU A 100 -10.66 -9.60 11.84
CA GLU A 100 -10.10 -8.26 11.78
C GLU A 100 -9.38 -7.95 13.10
N SER A 101 -10.08 -8.15 14.22
CA SER A 101 -9.50 -7.83 15.53
C SER A 101 -8.51 -8.87 16.02
N MET A 102 -8.60 -10.07 15.47
CA MET A 102 -7.65 -11.14 15.76
C MET A 102 -6.32 -11.06 14.98
N ILE A 103 -6.31 -10.46 13.79
CA ILE A 103 -5.09 -10.35 13.01
C ILE A 103 -4.24 -9.22 13.56
N TYR A 104 -4.87 -8.11 13.92
CA TYR A 104 -4.14 -7.01 14.56
C TYR A 104 -3.56 -7.52 15.87
N GLY A 105 -4.14 -8.58 16.43
CA GLY A 105 -3.56 -9.28 17.57
C GLY A 105 -2.26 -10.03 17.32
N PHE A 106 -2.26 -10.98 16.38
CA PHE A 106 -1.09 -11.80 16.08
C PHE A 106 0.12 -10.95 15.75
N PHE A 107 -0.17 -9.73 15.32
CA PHE A 107 0.85 -8.81 14.85
C PHE A 107 1.30 -7.87 15.95
N LEU A 108 0.35 -7.14 16.51
CA LEU A 108 0.63 -6.03 17.44
C LEU A 108 0.64 -6.31 18.95
N TYR A 109 0.26 -7.52 19.37
CA TYR A 109 0.01 -7.79 20.80
C TYR A 109 1.27 -8.06 21.62
N LYS A 110 1.46 -7.25 22.65
CA LYS A 110 2.61 -7.34 23.56
C LYS A 110 3.95 -7.25 22.83
N LYS A 111 4.09 -6.18 22.03
CA LYS A 111 5.28 -5.97 21.22
C LYS A 111 5.54 -4.46 21.15
N PRO A 112 6.80 -4.06 20.91
CA PRO A 112 7.15 -2.64 20.80
C PRO A 112 6.53 -2.01 19.55
N ILE A 113 5.92 -0.83 19.67
CA ILE A 113 5.24 -0.28 18.50
C ILE A 113 6.30 -0.09 17.38
N GLN A 114 6.08 -0.75 16.26
CA GLN A 114 7.00 -0.70 15.14
C GLN A 114 6.23 -0.41 13.88
N ILE A 115 6.93 0.13 12.90
CA ILE A 115 6.30 0.52 11.65
C ILE A 115 6.07 -0.68 10.74
N TRP A 116 6.91 -1.71 10.88
CA TRP A 116 6.80 -2.87 9.99
C TRP A 116 5.67 -3.77 10.41
N ARG A 117 5.35 -3.77 11.70
CA ARG A 117 4.18 -4.47 12.19
C ARG A 117 2.91 -3.77 11.74
N VAL A 118 2.93 -2.43 11.76
CA VAL A 118 1.77 -1.64 11.33
C VAL A 118 1.48 -1.83 9.85
N ILE A 119 2.53 -1.89 9.05
CA ILE A 119 2.35 -2.14 7.63
C ILE A 119 1.93 -3.59 7.40
N ALA A 120 2.56 -4.54 8.07
CA ALA A 120 2.22 -5.94 7.84
C ALA A 120 0.80 -6.18 8.24
N SER A 121 0.42 -5.71 9.42
CA SER A 121 -0.92 -5.95 9.96
C SER A 121 -2.00 -5.36 9.07
N VAL A 122 -1.95 -4.06 8.79
CA VAL A 122 -2.98 -3.44 7.92
C VAL A 122 -3.06 -4.08 6.53
N ILE A 123 -1.92 -4.51 6.01
CA ILE A 123 -1.84 -5.23 4.74
C ILE A 123 -2.49 -6.61 4.76
N CYS A 124 -2.42 -7.30 5.88
CA CYS A 124 -3.01 -8.63 5.97
C CYS A 124 -4.51 -8.56 6.19
N VAL A 125 -4.90 -7.66 7.09
CA VAL A 125 -6.30 -7.38 7.32
C VAL A 125 -6.97 -7.01 6.02
N THR A 126 -6.40 -6.04 5.33
CA THR A 126 -7.02 -5.52 4.12
C THR A 126 -7.16 -6.60 3.06
N VAL A 127 -6.17 -7.48 2.93
CA VAL A 127 -6.24 -8.52 1.93
C VAL A 127 -7.24 -9.60 2.25
N ILE A 128 -7.14 -10.16 3.44
CA ILE A 128 -7.99 -11.27 3.83
C ILE A 128 -9.42 -10.90 4.16
N CYS A 129 -9.57 -9.95 5.08
CA CYS A 129 -10.87 -9.48 5.55
C CYS A 129 -11.63 -8.62 4.59
N TYR A 130 -11.00 -7.54 4.14
CA TYR A 130 -11.69 -6.58 3.28
C TYR A 130 -11.74 -7.10 1.85
N ILE A 131 -10.59 -7.27 1.23
CA ILE A 131 -10.53 -7.71 -0.15
C ILE A 131 -11.10 -9.10 -0.29
N GLY A 132 -10.64 -10.03 0.54
CA GLY A 132 -11.13 -11.39 0.47
C GLY A 132 -12.54 -11.59 0.92
N LEU A 133 -12.81 -11.32 2.19
CA LEU A 133 -14.04 -11.79 2.83
C LEU A 133 -15.22 -10.92 2.59
N ASN A 134 -15.14 -9.68 3.06
CA ASN A 134 -16.22 -8.75 2.84
C ASN A 134 -16.67 -8.63 1.37
N THR A 135 -15.75 -8.84 0.44
CA THR A 135 -16.15 -8.91 -0.96
C THR A 135 -16.94 -10.17 -1.17
N LEU A 136 -16.47 -11.27 -0.59
CA LEU A 136 -17.19 -12.54 -0.72
C LEU A 136 -18.63 -12.42 -0.19
N TRP A 137 -18.79 -11.69 0.90
CA TRP A 137 -20.09 -11.45 1.51
C TRP A 137 -20.97 -10.60 0.61
N VAL A 138 -20.43 -9.46 0.22
CA VAL A 138 -21.11 -8.53 -0.65
C VAL A 138 -21.54 -9.18 -1.94
N SER A 139 -20.60 -9.91 -2.55
CA SER A 139 -20.87 -10.66 -3.77
C SER A 139 -22.05 -11.57 -3.53
N MET A 140 -22.08 -12.21 -2.36
CA MET A 140 -23.16 -13.11 -2.01
C MET A 140 -24.44 -12.35 -1.79
N LEU A 141 -24.39 -11.33 -0.96
CA LEU A 141 -25.59 -10.58 -0.64
C LEU A 141 -26.22 -9.98 -1.90
N GLY A 142 -25.46 -9.22 -2.68
CA GLY A 142 -25.88 -8.85 -4.02
C GLY A 142 -25.90 -10.09 -4.90
N GLY A 143 -26.42 -10.02 -6.12
CA GLY A 143 -26.42 -11.21 -6.96
C GLY A 143 -25.15 -11.44 -7.76
N THR A 144 -24.12 -10.65 -7.49
CA THR A 144 -22.92 -10.57 -8.32
C THR A 144 -21.98 -11.77 -8.27
N ASN A 145 -21.15 -11.86 -9.30
CA ASN A 145 -20.02 -12.76 -9.34
C ASN A 145 -18.91 -12.04 -8.57
N PHE A 146 -18.02 -12.79 -7.88
CA PHE A 146 -17.01 -12.18 -6.99
C PHE A 146 -16.15 -11.05 -7.59
N MET A 147 -15.69 -11.22 -8.82
CA MET A 147 -14.83 -10.21 -9.42
C MET A 147 -15.61 -8.96 -9.82
N VAL A 148 -16.91 -9.11 -10.09
CA VAL A 148 -17.76 -7.95 -10.32
C VAL A 148 -17.76 -7.09 -9.07
N ALA A 149 -17.97 -7.77 -7.93
CA ALA A 149 -17.89 -7.15 -6.62
C ALA A 149 -16.53 -6.54 -6.40
N LEU A 150 -15.50 -7.35 -6.59
CA LEU A 150 -14.14 -6.89 -6.37
C LEU A 150 -13.85 -5.59 -7.14
N SER A 151 -14.39 -5.46 -8.35
CA SER A 151 -14.07 -4.32 -9.20
C SER A 151 -14.68 -3.03 -8.63
N SER A 152 -15.89 -3.13 -8.08
CA SER A 152 -16.51 -1.98 -7.40
C SER A 152 -15.74 -1.52 -6.16
N ARG A 153 -15.13 -2.46 -5.44
CA ARG A 153 -14.47 -2.16 -4.18
C ARG A 153 -12.95 -1.97 -4.17
N ILE A 154 -12.26 -2.23 -5.27
CA ILE A 154 -10.81 -2.39 -5.17
C ILE A 154 -10.05 -1.06 -5.00
N LEU A 155 -10.58 0.03 -5.57
CA LEU A 155 -10.02 1.35 -5.33
C LEU A 155 -9.91 1.74 -3.86
N LYS A 156 -10.95 1.43 -3.09
CA LYS A 156 -10.93 1.75 -1.66
C LYS A 156 -9.81 1.00 -0.98
N GLU A 157 -9.67 -0.27 -1.34
CA GLU A 157 -8.78 -1.16 -0.63
C GLU A 157 -7.33 -0.90 -1.03
N MET A 158 -7.13 -0.19 -2.13
CA MET A 158 -5.80 0.27 -2.46
C MET A 158 -5.46 1.57 -1.77
N ILE A 159 -6.44 2.43 -1.56
CA ILE A 159 -6.16 3.74 -1.00
C ILE A 159 -6.12 3.77 0.52
N THR A 160 -7.22 3.36 1.16
CA THR A 160 -7.31 3.42 2.62
C THR A 160 -6.16 2.82 3.44
N PRO A 161 -5.51 1.71 3.00
CA PRO A 161 -4.52 1.11 3.91
C PRO A 161 -3.50 2.08 4.49
N TRP A 162 -2.98 2.98 3.67
CA TRP A 162 -2.07 4.01 4.16
C TRP A 162 -2.69 4.91 5.24
N ILE A 163 -3.95 5.33 5.06
CA ILE A 163 -4.67 6.01 6.12
C ILE A 163 -4.81 5.12 7.34
N HIS A 164 -5.10 3.85 7.14
CA HIS A 164 -5.24 2.95 8.27
C HIS A 164 -3.93 2.88 9.02
N MET A 165 -2.83 2.75 8.30
CA MET A 165 -1.53 2.58 8.92
C MET A 165 -1.12 3.78 9.76
N VAL A 166 -1.40 4.97 9.24
CA VAL A 166 -1.07 6.22 9.93
C VAL A 166 -1.88 6.34 11.19
N VAL A 167 -3.17 6.16 11.03
CA VAL A 167 -4.08 6.16 12.15
C VAL A 167 -3.70 5.05 13.14
N VAL A 168 -3.29 3.90 12.64
CA VAL A 168 -2.90 2.82 13.53
C VAL A 168 -1.70 3.22 14.34
N TRP A 169 -0.78 3.95 13.73
CA TRP A 169 0.33 4.44 14.49
C TRP A 169 -0.15 5.31 15.65
N PHE A 170 -0.74 6.46 15.34
CA PHE A 170 -1.14 7.41 16.35
C PHE A 170 -1.95 6.78 17.46
N ILE A 171 -2.79 5.82 17.10
CA ILE A 171 -3.50 5.03 18.09
C ILE A 171 -2.50 4.29 19.00
N LEU A 172 -1.56 3.54 18.40
CA LEU A 172 -0.62 2.72 19.15
C LEU A 172 0.34 3.54 19.98
N GLU A 173 0.72 4.69 19.45
CA GLU A 173 1.57 5.58 20.18
C GLU A 173 0.77 6.14 21.37
N GLY A 174 -0.35 6.77 21.05
CA GLY A 174 -1.19 7.43 22.04
C GLY A 174 -1.50 6.59 23.25
N LEU A 175 -1.72 5.29 23.06
CA LEU A 175 -2.03 4.44 24.18
C LEU A 175 -0.75 3.88 24.78
N LEU B 21 34.52 -7.13 -19.98
CA LEU B 21 33.71 -8.02 -19.17
C LEU B 21 32.42 -8.35 -19.88
N ARG B 22 31.87 -9.52 -19.57
CA ARG B 22 30.61 -9.95 -20.15
C ARG B 22 29.46 -9.09 -19.66
N GLU B 23 29.43 -8.87 -18.35
CA GLU B 23 28.31 -8.22 -17.68
C GLU B 23 28.05 -6.82 -18.22
N LEU B 24 29.03 -6.23 -18.89
CA LEU B 24 28.83 -4.89 -19.43
C LEU B 24 28.07 -4.94 -20.75
N VAL B 25 28.13 -6.05 -21.47
CA VAL B 25 27.19 -6.24 -22.58
C VAL B 25 25.78 -6.17 -22.01
N LEU B 26 25.60 -6.89 -20.90
CA LEU B 26 24.32 -6.95 -20.20
C LEU B 26 23.83 -5.57 -19.78
N LEU B 27 24.68 -4.84 -19.07
CA LEU B 27 24.31 -3.52 -18.54
C LEU B 27 23.67 -2.66 -19.62
N ALA B 28 24.29 -2.63 -20.79
CA ALA B 28 23.74 -1.86 -21.89
C ALA B 28 22.32 -2.33 -22.20
N MET B 29 22.18 -3.62 -22.45
CA MET B 29 20.89 -4.15 -22.89
C MET B 29 19.75 -3.86 -21.92
N VAL B 30 20.07 -3.83 -20.63
CA VAL B 30 19.07 -3.54 -19.61
C VAL B 30 18.86 -2.03 -19.49
N ILE B 31 19.84 -1.24 -19.88
CA ILE B 31 19.63 0.20 -20.02
C ILE B 31 18.70 0.39 -21.20
N ALA B 32 18.94 -0.39 -22.23
CA ALA B 32 18.17 -0.30 -23.44
C ALA B 32 16.75 -0.70 -23.17
N ILE B 33 16.61 -1.77 -22.40
CA ILE B 33 15.30 -2.17 -21.91
C ILE B 33 14.61 -1.03 -21.14
N LYS B 34 15.30 -0.56 -20.10
CA LYS B 34 14.80 0.48 -19.22
C LYS B 34 14.36 1.69 -19.99
N VAL B 35 15.13 2.06 -21.01
CA VAL B 35 14.79 3.22 -21.86
C VAL B 35 13.53 2.95 -22.69
N VAL B 36 13.47 1.72 -23.22
CA VAL B 36 12.40 1.32 -24.11
C VAL B 36 11.07 1.27 -23.38
N LEU B 37 11.03 0.45 -22.33
CA LEU B 37 9.85 0.27 -21.51
C LEU B 37 9.41 1.62 -20.98
N GLY B 38 10.39 2.48 -20.76
CA GLY B 38 10.12 3.80 -20.24
C GLY B 38 9.18 4.56 -21.14
N GLN B 39 9.14 4.20 -22.41
CA GLN B 39 8.33 4.96 -23.35
C GLN B 39 6.88 4.49 -23.35
N PHE B 40 6.57 3.48 -22.54
CA PHE B 40 5.17 3.12 -22.36
C PHE B 40 4.65 3.82 -21.17
N LYS B 41 3.99 4.94 -21.39
CA LYS B 41 3.49 5.73 -20.27
C LYS B 41 2.33 6.58 -20.72
N VAL B 42 1.46 6.90 -19.77
CA VAL B 42 0.43 7.90 -20.00
C VAL B 42 0.74 9.07 -19.10
N GLY B 43 0.33 10.28 -19.45
CA GLY B 43 0.45 11.30 -18.46
C GLY B 43 0.73 12.70 -18.91
N ASP B 44 1.15 13.47 -17.94
CA ASP B 44 1.16 14.91 -17.97
C ASP B 44 2.61 15.45 -17.89
N ALA B 45 2.79 16.76 -17.75
CA ALA B 45 4.10 17.29 -17.35
C ALA B 45 4.22 17.18 -15.85
N THR B 46 3.07 17.01 -15.21
CA THR B 46 2.92 16.55 -13.83
C THR B 46 2.76 15.06 -13.98
N LEU B 47 2.27 14.34 -12.97
CA LEU B 47 2.47 12.88 -12.90
C LEU B 47 2.28 12.05 -14.22
N GLN B 48 3.14 11.05 -14.35
CA GLN B 48 3.11 10.09 -15.44
C GLN B 48 3.10 8.69 -14.84
N VAL B 49 2.57 7.73 -15.60
CA VAL B 49 2.39 6.36 -15.15
C VAL B 49 2.92 5.47 -16.24
N GLY B 50 3.91 4.65 -15.95
CA GLY B 50 4.45 3.78 -16.97
C GLY B 50 5.28 2.60 -16.51
N LEU B 51 5.89 1.92 -17.48
CA LEU B 51 6.64 0.67 -17.27
C LEU B 51 8.15 0.85 -17.01
N GLY B 52 8.56 2.10 -16.85
CA GLY B 52 9.95 2.37 -16.57
C GLY B 52 10.46 1.69 -15.30
N PHE B 53 9.61 1.59 -14.29
CA PHE B 53 10.05 1.02 -13.04
C PHE B 53 10.58 -0.38 -13.27
N ILE B 54 10.01 -1.08 -14.23
CA ILE B 54 10.35 -2.50 -14.49
C ILE B 54 11.80 -2.61 -14.81
N GLY B 55 12.25 -1.74 -15.69
CA GLY B 55 13.64 -1.69 -16.05
C GLY B 55 14.50 -1.30 -14.86
N SER B 56 14.06 -0.32 -14.09
CA SER B 56 14.89 0.22 -13.02
C SER B 56 15.07 -0.81 -11.90
N VAL B 57 14.07 -1.67 -11.72
CA VAL B 57 14.17 -2.78 -10.76
C VAL B 57 15.18 -3.83 -11.22
N MET B 58 15.17 -4.12 -12.52
CA MET B 58 16.14 -5.05 -13.09
C MET B 58 17.55 -4.57 -12.80
N LEU B 59 17.78 -3.27 -12.97
CA LEU B 59 19.09 -2.67 -12.70
C LEU B 59 19.56 -2.87 -11.25
N GLY B 60 18.62 -2.81 -10.32
CA GLY B 60 18.93 -3.04 -8.91
C GLY B 60 19.03 -4.52 -8.54
N TYR B 61 18.24 -5.36 -9.21
CA TYR B 61 18.31 -6.79 -8.95
C TYR B 61 19.60 -7.37 -9.49
N LEU B 62 19.89 -7.13 -10.75
CA LEU B 62 21.05 -7.76 -11.39
C LEU B 62 22.40 -7.11 -11.02
N PHE B 63 22.48 -5.79 -11.07
CA PHE B 63 23.77 -5.10 -10.91
C PHE B 63 24.07 -4.45 -9.54
N GLY B 64 23.12 -4.50 -8.61
CA GLY B 64 23.34 -3.86 -7.33
C GLY B 64 23.15 -2.34 -7.36
N PRO B 65 23.41 -1.68 -6.22
CA PRO B 65 23.15 -0.24 -6.05
C PRO B 65 24.06 0.72 -6.82
N TRP B 66 25.36 0.46 -6.82
CA TRP B 66 26.28 1.42 -7.40
C TRP B 66 26.13 1.42 -8.90
N TRP B 67 26.28 0.25 -9.47
CA TRP B 67 26.14 0.06 -10.89
C TRP B 67 24.69 0.28 -11.29
N GLY B 68 23.78 0.10 -10.34
CA GLY B 68 22.38 0.37 -10.56
C GLY B 68 22.06 1.86 -10.53
N PHE B 69 22.74 2.61 -9.67
CA PHE B 69 22.64 4.06 -9.64
C PHE B 69 23.22 4.66 -10.91
N ALA B 70 24.37 4.12 -11.31
CA ALA B 70 24.98 4.43 -12.57
C ALA B 70 24.02 4.17 -13.75
N GLY B 71 23.61 2.92 -13.93
CA GLY B 71 22.68 2.59 -15.00
C GLY B 71 21.35 3.36 -15.05
N GLY B 72 20.82 3.70 -13.88
CA GLY B 72 19.60 4.52 -13.82
C GLY B 72 19.91 5.94 -14.22
N ALA B 73 20.97 6.50 -13.63
CA ALA B 73 21.45 7.83 -13.99
C ALA B 73 21.60 7.89 -15.49
N LEU B 74 22.31 6.89 -16.05
CA LEU B 74 22.61 6.84 -17.46
C LEU B 74 21.38 6.73 -18.35
N SER B 75 20.57 5.71 -18.11
CA SER B 75 19.41 5.43 -18.94
C SER B 75 18.46 6.58 -19.00
N ASP B 76 18.56 7.50 -18.05
CA ASP B 76 17.76 8.72 -18.13
C ASP B 76 18.35 9.67 -19.16
N LEU B 77 19.67 9.85 -19.16
CA LEU B 77 20.33 10.69 -20.14
C LEU B 77 20.01 10.26 -21.56
N VAL B 78 20.14 8.96 -21.80
CA VAL B 78 19.89 8.38 -23.11
C VAL B 78 18.45 8.59 -23.53
N SER B 79 17.53 8.28 -22.62
CA SER B 79 16.11 8.34 -22.89
C SER B 79 15.73 9.77 -23.22
N SER B 80 16.38 10.69 -22.52
CA SER B 80 16.18 12.12 -22.74
C SER B 80 16.69 12.48 -24.12
N ALA B 81 17.92 12.05 -24.40
CA ALA B 81 18.60 12.37 -25.65
C ALA B 81 17.83 11.92 -26.87
N ILE B 82 17.29 10.71 -26.84
CA ILE B 82 16.53 10.18 -27.96
C ILE B 82 15.10 10.72 -27.98
N PHE B 83 14.31 10.38 -26.96
CA PHE B 83 12.89 10.74 -26.86
C PHE B 83 12.52 12.12 -26.30
N GLY B 84 13.32 12.65 -25.40
CA GLY B 84 13.03 13.98 -24.90
C GLY B 84 11.95 13.93 -23.85
N ASN B 85 11.95 14.95 -22.99
CA ASN B 85 11.03 14.99 -21.89
C ASN B 85 10.01 16.12 -22.02
N LEU B 86 8.81 15.88 -21.52
CA LEU B 86 7.80 16.91 -21.54
C LEU B 86 8.25 18.09 -20.70
N GLY B 87 8.35 19.26 -21.32
CA GLY B 87 8.80 20.45 -20.61
C GLY B 87 10.30 20.58 -20.55
N GLY B 88 11.02 19.64 -21.13
CA GLY B 88 12.46 19.76 -21.22
C GLY B 88 13.19 19.00 -20.17
N PHE B 89 14.50 18.85 -20.38
CA PHE B 89 15.41 18.14 -19.48
C PHE B 89 15.44 18.83 -18.14
N PHE B 90 15.44 18.05 -17.07
CA PHE B 90 15.66 18.58 -15.73
C PHE B 90 16.54 17.62 -14.97
N ILE B 91 17.68 18.13 -14.51
CA ILE B 91 18.73 17.26 -13.99
C ILE B 91 18.24 16.52 -12.75
N GLY B 92 17.12 16.98 -12.18
CA GLY B 92 16.53 16.34 -11.03
C GLY B 92 15.95 14.96 -11.31
N PHE B 93 15.18 14.82 -12.39
CA PHE B 93 14.58 13.53 -12.72
C PHE B 93 15.65 12.48 -12.97
N THR B 94 16.85 12.97 -13.28
CA THR B 94 17.98 12.11 -13.51
C THR B 94 18.40 11.50 -12.18
N LEU B 95 18.42 12.32 -11.13
CA LEU B 95 18.87 11.87 -9.83
C LEU B 95 17.92 10.80 -9.34
N THR B 96 16.63 11.10 -9.53
CA THR B 96 15.56 10.19 -9.21
C THR B 96 15.74 8.84 -9.85
N ALA B 97 15.98 8.81 -11.16
CA ALA B 97 16.09 7.55 -11.89
C ALA B 97 17.26 6.75 -11.37
N ALA B 98 18.21 7.46 -10.77
CA ALA B 98 19.41 6.86 -10.20
C ALA B 98 19.13 6.30 -8.82
N LEU B 99 18.47 7.07 -7.97
CA LEU B 99 18.11 6.54 -6.64
C LEU B 99 17.08 5.42 -6.77
N GLU B 100 16.10 5.57 -7.65
CA GLU B 100 15.10 4.56 -7.93
C GLU B 100 15.79 3.21 -8.17
N SER B 101 16.74 3.16 -9.08
CA SER B 101 17.39 1.89 -9.36
C SER B 101 18.35 1.46 -8.26
N MET B 102 18.81 2.41 -7.46
CA MET B 102 19.73 2.15 -6.34
C MET B 102 19.05 1.66 -5.07
N ILE B 103 17.78 2.00 -4.87
CA ILE B 103 17.05 1.54 -3.69
C ILE B 103 16.58 0.09 -3.87
N TYR B 104 16.10 -0.23 -5.07
CA TYR B 104 15.76 -1.61 -5.41
C TYR B 104 17.01 -2.48 -5.29
N GLY B 105 18.18 -1.86 -5.42
CA GLY B 105 19.44 -2.54 -5.13
C GLY B 105 19.68 -2.91 -3.66
N PHE B 106 19.69 -1.91 -2.76
CA PHE B 106 19.93 -2.13 -1.32
C PHE B 106 19.02 -3.18 -0.73
N PHE B 107 17.89 -3.34 -1.37
CA PHE B 107 16.85 -4.24 -0.92
C PHE B 107 16.98 -5.59 -1.59
N LEU B 108 16.93 -5.60 -2.92
CA LEU B 108 16.76 -6.85 -3.68
C LEU B 108 18.02 -7.58 -4.19
N TYR B 109 19.20 -7.00 -3.98
CA TYR B 109 20.41 -7.49 -4.66
C TYR B 109 21.09 -8.64 -3.96
N LYS B 110 21.25 -9.74 -4.69
CA LYS B 110 21.87 -10.97 -4.17
C LYS B 110 21.18 -11.51 -2.92
N LYS B 111 19.86 -11.70 -3.03
CA LYS B 111 19.03 -12.16 -1.93
C LYS B 111 17.91 -13.05 -2.49
N PRO B 112 17.36 -13.95 -1.66
CA PRO B 112 16.24 -14.82 -2.09
C PRO B 112 14.96 -14.02 -2.33
N ILE B 113 14.25 -14.26 -3.43
CA ILE B 113 13.09 -13.43 -3.72
C ILE B 113 12.10 -13.60 -2.57
N GLN B 114 11.78 -12.49 -1.91
CA GLN B 114 10.88 -12.52 -0.76
C GLN B 114 9.84 -11.45 -0.94
N ILE B 115 8.70 -11.64 -0.29
CA ILE B 115 7.61 -10.68 -0.41
C ILE B 115 7.83 -9.44 0.47
N TRP B 116 8.57 -9.59 1.56
CA TRP B 116 8.76 -8.46 2.46
C TRP B 116 9.76 -7.48 1.89
N ARG B 117 10.71 -7.99 1.12
CA ARG B 117 11.64 -7.10 0.42
C ARG B 117 10.92 -6.33 -0.68
N VAL B 118 10.01 -7.00 -1.39
CA VAL B 118 9.26 -6.37 -2.48
C VAL B 118 8.38 -5.28 -1.91
N ILE B 119 7.76 -5.53 -0.76
CA ILE B 119 6.93 -4.51 -0.16
C ILE B 119 7.78 -3.38 0.39
N ALA B 120 8.88 -3.70 1.06
CA ALA B 120 9.74 -2.67 1.62
C ALA B 120 10.32 -1.81 0.52
N SER B 121 10.89 -2.45 -0.49
CA SER B 121 11.51 -1.73 -1.60
C SER B 121 10.52 -0.78 -2.28
N VAL B 122 9.44 -1.31 -2.86
CA VAL B 122 8.47 -0.46 -3.55
C VAL B 122 7.94 0.69 -2.67
N ILE B 123 7.75 0.41 -1.39
CA ILE B 123 7.35 1.40 -0.40
C ILE B 123 8.38 2.50 -0.16
N CYS B 124 9.67 2.16 -0.21
CA CYS B 124 10.70 3.18 0.01
C CYS B 124 10.93 4.03 -1.23
N VAL B 125 10.95 3.37 -2.38
CA VAL B 125 11.04 4.06 -3.66
C VAL B 125 9.93 5.05 -3.77
N THR B 126 8.71 4.58 -3.52
CA THR B 126 7.55 5.39 -3.77
C THR B 126 7.56 6.62 -2.87
N VAL B 127 7.99 6.46 -1.63
CA VAL B 127 7.99 7.57 -0.69
C VAL B 127 9.05 8.61 -1.01
N ILE B 128 10.29 8.16 -1.15
CA ILE B 128 11.41 9.06 -1.36
C ILE B 128 11.48 9.66 -2.75
N CYS B 129 11.52 8.79 -3.75
CA CYS B 129 11.63 9.17 -5.16
C CYS B 129 10.36 9.80 -5.74
N TYR B 130 9.23 9.10 -5.63
CA TYR B 130 8.00 9.55 -6.28
C TYR B 130 7.34 10.64 -5.44
N ILE B 131 6.95 10.29 -4.24
CA ILE B 131 6.26 11.23 -3.37
C ILE B 131 7.18 12.37 -3.00
N GLY B 132 8.37 12.05 -2.52
CA GLY B 132 9.30 13.10 -2.16
C GLY B 132 9.92 13.90 -3.30
N LEU B 133 10.66 13.23 -4.18
CA LEU B 133 11.54 13.92 -5.11
C LEU B 133 10.83 14.45 -6.34
N ASN B 134 10.29 13.54 -7.13
CA ASN B 134 9.57 13.92 -8.31
C ASN B 134 8.48 14.96 -8.07
N THR B 135 7.88 14.97 -6.88
CA THR B 135 6.98 16.06 -6.51
C THR B 135 7.77 17.33 -6.32
N LEU B 136 8.93 17.21 -5.69
CA LEU B 136 9.74 18.37 -5.46
C LEU B 136 10.15 18.99 -6.81
N TRP B 137 10.47 18.15 -7.79
CA TRP B 137 10.85 18.60 -9.13
C TRP B 137 9.68 19.24 -9.87
N VAL B 138 8.55 18.53 -9.88
CA VAL B 138 7.33 19.02 -10.49
C VAL B 138 6.90 20.35 -9.90
N SER B 139 6.87 20.40 -8.56
CA SER B 139 6.59 21.62 -7.84
C SER B 139 7.48 22.74 -8.30
N MET B 140 8.76 22.43 -8.51
CA MET B 140 9.72 23.41 -9.00
C MET B 140 9.45 23.77 -10.44
N LEU B 141 9.32 22.76 -11.29
CA LEU B 141 9.11 23.01 -12.71
C LEU B 141 7.86 23.87 -12.91
N GLY B 142 6.71 23.42 -12.41
CA GLY B 142 5.53 24.27 -12.33
C GLY B 142 5.80 25.39 -11.33
N GLY B 143 4.90 26.37 -11.20
CA GLY B 143 5.15 27.43 -10.23
C GLY B 143 4.68 27.11 -8.82
N THR B 144 4.25 25.87 -8.60
CA THR B 144 3.48 25.51 -7.42
C THR B 144 4.26 25.49 -6.10
N ASN B 145 3.52 25.53 -5.01
CA ASN B 145 4.02 25.19 -3.69
C ASN B 145 3.97 23.67 -3.58
N PHE B 146 4.91 23.06 -2.84
CA PHE B 146 5.07 21.59 -2.82
C PHE B 146 3.81 20.77 -2.51
N MET B 147 2.98 21.23 -1.57
CA MET B 147 1.78 20.47 -1.21
C MET B 147 0.66 20.62 -2.25
N VAL B 148 0.70 21.71 -3.02
CA VAL B 148 -0.22 21.84 -4.16
C VAL B 148 0.07 20.72 -5.15
N ALA B 149 1.34 20.61 -5.49
CA ALA B 149 1.85 19.51 -6.30
C ALA B 149 1.43 18.18 -5.68
N LEU B 150 1.73 18.00 -4.41
CA LEU B 150 1.53 16.72 -3.74
C LEU B 150 0.08 16.30 -3.87
N SER B 151 -0.83 17.28 -3.87
CA SER B 151 -2.25 16.96 -3.82
C SER B 151 -2.70 16.44 -5.17
N SER B 152 -2.17 16.99 -6.25
CA SER B 152 -2.44 16.48 -7.59
C SER B 152 -1.93 15.04 -7.81
N ARG B 153 -0.83 14.68 -7.16
CA ARG B 153 -0.20 13.40 -7.40
C ARG B 153 -0.45 12.27 -6.40
N ILE B 154 -1.08 12.53 -5.27
CA ILE B 154 -1.00 11.58 -4.14
C ILE B 154 -1.86 10.33 -4.37
N LEU B 155 -2.96 10.47 -5.09
CA LEU B 155 -3.77 9.31 -5.47
C LEU B 155 -3.00 8.25 -6.24
N LYS B 156 -2.20 8.69 -7.22
CA LYS B 156 -1.39 7.73 -7.96
C LYS B 156 -0.48 6.95 -7.04
N GLU B 157 0.14 7.66 -6.09
CA GLU B 157 1.20 7.11 -5.29
C GLU B 157 0.62 6.22 -4.20
N MET B 158 -0.67 6.36 -3.94
CA MET B 158 -1.33 5.44 -3.05
C MET B 158 -1.76 4.17 -3.78
N ILE B 159 -2.12 4.30 -5.06
CA ILE B 159 -2.67 3.15 -5.80
C ILE B 159 -1.64 2.27 -6.45
N THR B 160 -0.83 2.84 -7.33
CA THR B 160 0.19 2.06 -8.03
C THR B 160 1.09 1.12 -7.19
N PRO B 161 1.52 1.49 -5.96
CA PRO B 161 2.51 0.61 -5.33
C PRO B 161 2.15 -0.87 -5.33
N TRP B 162 0.89 -1.20 -5.09
CA TRP B 162 0.46 -2.59 -5.14
C TRP B 162 0.67 -3.19 -6.54
N ILE B 163 0.37 -2.44 -7.59
CA ILE B 163 0.68 -2.91 -8.94
C ILE B 163 2.18 -3.09 -9.10
N HIS B 164 2.94 -2.16 -8.54
CA HIS B 164 4.39 -2.23 -8.68
C HIS B 164 4.89 -3.49 -8.02
N MET B 165 4.37 -3.77 -6.84
CA MET B 165 4.82 -4.92 -6.06
C MET B 165 4.52 -6.25 -6.76
N VAL B 166 3.33 -6.35 -7.33
CA VAL B 166 2.93 -7.56 -8.04
C VAL B 166 3.83 -7.76 -9.25
N VAL B 167 3.94 -6.70 -10.03
CA VAL B 167 4.82 -6.71 -11.20
C VAL B 167 6.26 -7.00 -10.75
N VAL B 168 6.67 -6.45 -9.62
CA VAL B 168 8.04 -6.65 -9.17
C VAL B 168 8.26 -8.12 -8.86
N TRP B 169 7.24 -8.76 -8.31
CA TRP B 169 7.37 -10.18 -8.06
C TRP B 169 7.59 -10.92 -9.36
N PHE B 170 6.60 -10.91 -10.25
CA PHE B 170 6.71 -11.65 -11.51
C PHE B 170 8.01 -11.41 -12.26
N ILE B 171 8.49 -10.18 -12.18
CA ILE B 171 9.80 -9.85 -12.73
C ILE B 171 10.90 -10.64 -12.01
N LEU B 172 10.91 -10.60 -10.69
CA LEU B 172 11.95 -11.26 -9.91
C LEU B 172 11.86 -12.78 -9.97
N GLU B 173 10.66 -13.29 -10.09
CA GLU B 173 10.50 -14.72 -10.23
C GLU B 173 11.01 -15.12 -11.62
N GLY B 174 10.45 -14.49 -12.64
CA GLY B 174 10.74 -14.79 -14.03
C GLY B 174 12.22 -14.84 -14.35
N LEU B 175 13.00 -13.94 -13.76
CA LEU B 175 14.42 -13.93 -14.03
C LEU B 175 15.14 -14.87 -13.05
N1 FOL C . -24.20 -7.85 8.98
C2 FOL C . -23.47 -7.81 10.11
NA2 FOL C . -23.64 -8.79 11.06
N3 FOL C . -22.55 -6.83 10.37
C4 FOL C . -22.32 -5.83 9.48
O4 FOL C . -21.52 -4.90 9.66
C4A FOL C . -23.09 -5.83 8.25
N5 FOL C . -22.91 -4.87 7.35
C6 FOL C . -23.62 -4.91 6.22
C7 FOL C . -24.54 -5.94 6.01
N8 FOL C . -24.76 -6.91 6.91
C8A FOL C . -24.06 -6.92 8.05
C9 FOL C . -23.44 -3.81 5.21
N10 FOL C . -22.56 -4.21 4.14
C11 FOL C . -18.65 -2.92 3.89
C12 FOL C . -19.26 -3.52 2.80
C13 FOL C . -20.57 -3.95 2.88
C14 FOL C . -21.28 -3.79 4.06
C15 FOL C . -20.67 -3.19 5.17
C16 FOL C . -19.35 -2.77 5.08
C FOL C . -17.22 -2.48 3.74
O FOL C . -16.83 -2.40 2.60
N FOL C . -16.44 -2.23 4.79
CA FOL C . -15.01 -2.02 4.62
CB FOL C . -14.34 -2.09 5.98
CG FOL C . -14.73 -0.84 6.72
CD FOL C . -13.67 0.15 6.36
OE1 FOL C . -13.86 1.37 6.61
OE2 FOL C . -12.63 -0.30 5.83
CT FOL C . -14.37 -2.98 3.65
O1 FOL C . -13.42 -2.53 2.93
O2 FOL C . -14.81 -4.16 3.55
N1 FOL D . 13.88 15.35 -17.30
C2 FOL D . 14.58 14.21 -17.17
NA2 FOL D . 15.93 14.28 -17.14
N3 FOL D . 13.98 12.98 -17.07
C4 FOL D . 12.64 12.83 -17.09
O4 FOL D . 12.07 11.72 -16.99
C4A FOL D . 11.84 14.04 -17.25
N5 FOL D . 10.50 13.99 -17.28
C6 FOL D . 9.81 15.15 -17.44
C7 FOL D . 10.46 16.40 -17.53
N8 FOL D . 11.81 16.47 -17.50
C8A FOL D . 12.54 15.34 -17.35
C9 FOL D . 8.32 15.10 -17.48
N10 FOL D . 7.90 15.32 -16.11
C11 FOL D . 6.57 12.38 -13.58
C12 FOL D . 7.55 12.06 -14.54
C13 FOL D . 8.01 13.04 -15.40
C14 FOL D . 7.48 14.31 -15.32
C15 FOL D . 6.52 14.63 -14.37
C16 FOL D . 6.07 13.68 -13.50
C FOL D . 6.01 11.38 -12.62
O FOL D . 5.31 11.82 -11.73
N FOL D . 6.27 10.08 -12.74
CA FOL D . 5.92 9.06 -11.76
CB FOL D . 6.76 7.82 -12.07
CG FOL D . 6.12 6.54 -11.59
CD FOL D . 5.71 5.65 -12.74
OE1 FOL D . 6.17 5.91 -13.88
OE2 FOL D . 4.93 4.69 -12.53
CT FOL D . 6.11 9.46 -10.31
O1 FOL D . 5.19 9.26 -9.49
O2 FOL D . 7.17 10.00 -9.95
#